data_2QDL
#
_entry.id   2QDL
#
_cell.length_a   51.214
_cell.length_b   62.235
_cell.length_c   55.142
_cell.angle_alpha   90.00
_cell.angle_beta   115.37
_cell.angle_gamma   90.00
#
_symmetry.space_group_name_H-M   'P 1 21 1'
#
loop_
_entity.id
_entity.type
_entity.pdbx_description
1 polymer 'Chemotaxis signal transduction protein'
2 non-polymer GLYCEROL
3 water water
#
_entity_poly.entity_id   1
_entity_poly.type   'polypeptide(L)'
_entity_poly.pdbx_seq_one_letter_code
;MKHHHHHHPMPKKIVVFSLAEELYGLDIFDVHEVVKDVSITKIPETPEFIEGIINLRGKIIPVIDLKKRFGIGKRGKSKD
SRIIIVEILGQKAGLIVDAVHEVIPIDENSIEPPPPVTTIDTAFVEGIAKTDDKMIIIIKLHFLFEVNGKEMLLNTSSEG
TKERS
;
_entity_poly.pdbx_strand_id   A,B
#
loop_
_chem_comp.id
_chem_comp.type
_chem_comp.name
_chem_comp.formula
GOL non-polymer GLYCEROL 'C3 H8 O3'
#
# COMPACT_ATOMS: atom_id res chain seq x y z
N LYS A 2 4.66 21.26 -16.53
CA LYS A 2 5.41 20.00 -16.24
C LYS A 2 6.18 19.50 -17.48
N HIS A 3 7.50 19.33 -17.34
CA HIS A 3 8.31 18.63 -18.35
C HIS A 3 8.25 17.11 -18.20
N HIS A 4 7.80 16.43 -19.25
CA HIS A 4 7.63 14.98 -19.21
C HIS A 4 8.85 14.28 -19.83
N HIS A 5 9.02 13.02 -19.49
CA HIS A 5 10.17 12.24 -19.90
C HIS A 5 9.69 11.07 -20.71
N HIS A 6 10.44 10.68 -21.73
CA HIS A 6 10.10 9.44 -22.41
C HIS A 6 11.23 8.37 -22.37
N HIS A 7 12.06 8.43 -21.34
CA HIS A 7 13.19 7.50 -21.23
C HIS A 7 12.76 6.02 -21.13
N HIS A 8 11.80 5.74 -20.28
CA HIS A 8 11.33 4.39 -20.12
C HIS A 8 9.83 4.42 -19.88
N PRO A 9 9.15 3.31 -20.17
CA PRO A 9 7.69 3.23 -19.95
C PRO A 9 7.29 3.56 -18.50
N MET A 10 6.28 4.42 -18.34
CA MET A 10 5.72 4.70 -17.03
C MET A 10 4.21 4.34 -17.00
N PRO A 11 3.89 3.05 -16.73
CA PRO A 11 2.52 2.49 -16.81
C PRO A 11 1.54 3.09 -15.81
N LYS A 12 0.25 3.06 -16.13
CA LYS A 12 -0.79 3.31 -15.13
C LYS A 12 -0.62 2.34 -13.96
N LYS A 13 -0.54 2.86 -12.74
CA LYS A 13 -0.43 2.00 -11.54
C LYS A 13 -1.73 2.10 -10.75
N ILE A 14 -2.39 0.95 -10.56
CA ILE A 14 -3.60 0.88 -9.77
C ILE A 14 -3.32 0.27 -8.39
N VAL A 15 -3.75 0.96 -7.34
CA VAL A 15 -3.80 0.43 -5.98
C VAL A 15 -5.08 -0.39 -5.87
N VAL A 16 -4.88 -1.67 -5.56
CA VAL A 16 -5.95 -2.65 -5.48
C VAL A 16 -6.23 -2.94 -4.02
N PHE A 17 -7.51 -2.84 -3.65
CA PHE A 17 -7.96 -3.06 -2.33
C PHE A 17 -9.20 -3.92 -2.38
N SER A 18 -9.54 -4.56 -1.27
CA SER A 18 -10.69 -5.42 -1.33
C SER A 18 -11.81 -4.87 -0.46
N LEU A 19 -13.05 -5.18 -0.88
CA LEU A 19 -14.25 -4.91 -0.08
C LEU A 19 -15.03 -6.23 -0.06
N ALA A 20 -15.11 -6.87 1.11
CA ALA A 20 -15.69 -8.22 1.23
C ALA A 20 -15.01 -9.12 0.20
N GLU A 21 -15.76 -9.81 -0.66
CA GLU A 21 -15.07 -10.75 -1.55
C GLU A 21 -14.70 -10.12 -2.93
N GLU A 22 -14.63 -8.79 -3.01
CA GLU A 22 -14.50 -8.12 -4.32
C GLU A 22 -13.28 -7.17 -4.38
N LEU A 23 -12.76 -6.98 -5.60
CA LEU A 23 -11.55 -6.16 -5.81
C LEU A 23 -11.92 -4.83 -6.44
N TYR A 24 -11.35 -3.76 -5.90
CA TYR A 24 -11.58 -2.43 -6.40
C TYR A 24 -10.24 -1.76 -6.58
N GLY A 25 -10.18 -0.75 -7.44
CA GLY A 25 -8.94 0.00 -7.58
C GLY A 25 -9.04 1.50 -7.75
N LEU A 26 -7.93 2.17 -7.44
CA LEU A 26 -7.75 3.58 -7.73
C LEU A 26 -6.37 3.79 -8.32
N ASP A 27 -6.25 4.74 -9.24
CA ASP A 27 -4.95 5.18 -9.72
C ASP A 27 -4.19 5.69 -8.50
N ILE A 28 -2.94 5.27 -8.35
CA ILE A 28 -2.03 5.78 -7.32
C ILE A 28 -2.01 7.31 -7.26
N PHE A 29 -2.21 7.97 -8.41
CA PHE A 29 -2.28 9.41 -8.49
C PHE A 29 -3.40 9.97 -7.61
N ASP A 30 -4.51 9.22 -7.47
CA ASP A 30 -5.63 9.63 -6.63
C ASP A 30 -5.52 9.24 -5.17
N VAL A 31 -4.53 8.38 -4.86
CA VAL A 31 -4.25 7.94 -3.49
C VAL A 31 -3.20 8.85 -2.82
N HIS A 32 -3.65 9.81 -2.00
CA HIS A 32 -2.76 10.79 -1.34
C HIS A 32 -1.99 10.14 -0.18
N GLU A 33 -2.68 9.31 0.56
CA GLU A 33 -2.08 8.55 1.62
C GLU A 33 -3.03 7.46 2.08
N VAL A 34 -2.52 6.58 2.92
CA VAL A 34 -3.27 5.48 3.46
C VAL A 34 -3.01 5.48 4.97
N VAL A 35 -4.07 5.66 5.74
CA VAL A 35 -3.97 5.65 7.22
C VAL A 35 -4.68 4.42 7.76
N LYS A 36 -4.38 4.02 8.99
CA LYS A 36 -5.17 2.94 9.63
C LYS A 36 -6.68 3.25 9.91
N ASP A 37 -7.51 2.19 9.79
CA ASP A 37 -8.97 2.26 10.03
C ASP A 37 -9.23 2.28 11.55
N VAL A 38 -8.88 3.39 12.19
CA VAL A 38 -9.07 3.56 13.63
C VAL A 38 -9.44 5.01 14.01
N SER A 39 -10.14 5.13 15.14
CA SER A 39 -10.61 6.42 15.67
C SER A 39 -11.40 7.25 14.67
N ILE A 40 -12.39 6.59 14.07
CA ILE A 40 -13.42 7.29 13.33
C ILE A 40 -14.45 7.73 14.37
N THR A 41 -14.72 9.03 14.39
CA THR A 41 -15.71 9.57 15.30
C THR A 41 -17.00 9.72 14.53
N LYS A 42 -18.01 9.00 14.98
CA LYS A 42 -19.30 9.04 14.34
C LYS A 42 -19.94 10.40 14.55
N ILE A 43 -20.53 10.93 13.50
CA ILE A 43 -21.18 12.24 13.53
C ILE A 43 -22.70 12.07 13.44
N PRO A 44 -23.45 12.62 14.44
CA PRO A 44 -24.91 12.48 14.46
C PRO A 44 -25.55 13.08 13.22
N GLU A 45 -26.71 12.57 12.82
CA GLU A 45 -27.52 13.15 11.74
C GLU A 45 -26.89 13.05 10.36
N THR A 46 -25.99 12.09 10.15
CA THR A 46 -25.43 11.85 8.82
C THR A 46 -25.96 10.54 8.25
N PRO A 47 -25.92 10.39 6.91
CA PRO A 47 -26.24 9.09 6.31
C PRO A 47 -25.37 7.99 6.90
N GLU A 48 -25.92 6.79 6.96
CA GLU A 48 -25.22 5.63 7.46
C GLU A 48 -23.87 5.36 6.77
N PHE A 49 -23.78 5.65 5.46
CA PHE A 49 -22.55 5.39 4.71
C PHE A 49 -21.43 6.37 5.04
N ILE A 50 -21.77 7.51 5.67
CA ILE A 50 -20.78 8.40 6.27
C ILE A 50 -20.42 7.88 7.66
N GLU A 51 -19.35 7.10 7.74
CA GLU A 51 -18.99 6.46 8.99
C GLU A 51 -18.69 7.50 10.06
N GLY A 52 -18.12 8.63 9.63
CA GLY A 52 -17.74 9.67 10.56
C GLY A 52 -16.57 10.49 10.11
N ILE A 53 -15.81 10.97 11.08
CA ILE A 53 -14.69 11.78 10.75
C ILE A 53 -13.44 11.33 11.46
N ILE A 54 -12.30 11.64 10.85
CA ILE A 54 -10.99 11.49 11.49
C ILE A 54 -10.30 12.87 11.59
N ASN A 55 -9.46 12.99 12.61
CA ASN A 55 -8.65 14.16 12.79
C ASN A 55 -7.27 13.80 12.32
N LEU A 56 -6.91 14.25 11.13
CA LEU A 56 -5.61 13.88 10.57
C LEU A 56 -4.72 15.10 10.54
N ARG A 57 -3.73 15.15 11.43
CA ARG A 57 -2.81 16.29 11.58
C ARG A 57 -3.53 17.65 11.72
N GLY A 58 -4.65 17.67 12.46
CA GLY A 58 -5.38 18.92 12.72
C GLY A 58 -6.48 19.21 11.71
N LYS A 59 -6.64 18.36 10.71
CA LYS A 59 -7.73 18.54 9.73
C LYS A 59 -8.85 17.52 9.87
N ILE A 60 -10.06 18.02 9.71
CA ILE A 60 -11.28 17.22 9.73
C ILE A 60 -11.42 16.52 8.39
N ILE A 61 -11.46 15.19 8.41
CA ILE A 61 -11.62 14.41 7.17
C ILE A 61 -12.82 13.48 7.28
N PRO A 62 -13.86 13.73 6.43
CA PRO A 62 -14.99 12.81 6.42
C PRO A 62 -14.65 11.46 5.79
N VAL A 63 -15.09 10.38 6.43
CA VAL A 63 -14.80 9.02 6.03
C VAL A 63 -16.07 8.29 5.61
N ILE A 64 -16.03 7.72 4.40
CA ILE A 64 -17.14 6.95 3.87
C ILE A 64 -16.83 5.46 3.99
N ASP A 65 -17.86 4.72 4.36
CA ASP A 65 -17.84 3.27 4.30
C ASP A 65 -18.37 2.92 2.93
N LEU A 66 -17.48 2.46 2.04
CA LEU A 66 -17.82 2.11 0.64
C LEU A 66 -18.82 0.96 0.51
N LYS A 67 -18.75 -0.02 1.41
CA LYS A 67 -19.70 -1.14 1.40
C LYS A 67 -21.12 -0.65 1.63
N LYS A 68 -21.28 0.31 2.54
CA LYS A 68 -22.58 0.93 2.83
C LYS A 68 -23.02 1.84 1.69
N ARG A 69 -22.06 2.54 1.09
CA ARG A 69 -22.32 3.36 -0.09
C ARG A 69 -22.75 2.52 -1.31
N PHE A 70 -22.05 1.40 -1.54
CA PHE A 70 -22.31 0.54 -2.70
C PHE A 70 -23.36 -0.57 -2.47
N GLY A 71 -23.58 -0.96 -1.22
CA GLY A 71 -24.48 -2.07 -0.86
C GLY A 71 -23.79 -3.41 -0.91
N ILE A 72 -22.54 -3.45 -0.51
CA ILE A 72 -21.75 -4.68 -0.47
C ILE A 72 -21.93 -5.33 0.90
N GLY A 73 -21.85 -6.67 0.95
CA GLY A 73 -21.90 -7.37 2.23
C GLY A 73 -20.91 -6.81 3.23
N LYS A 74 -21.35 -6.70 4.49
CA LYS A 74 -20.53 -6.07 5.53
C LYS A 74 -19.57 -7.06 6.16
N ARG A 75 -18.70 -7.64 5.33
CA ARG A 75 -17.69 -8.60 5.82
C ARG A 75 -16.31 -8.17 5.29
N GLY A 76 -15.26 -8.59 5.97
CA GLY A 76 -13.89 -8.46 5.44
C GLY A 76 -13.01 -7.57 6.30
N LYS A 77 -13.61 -6.91 7.28
CA LYS A 77 -12.84 -6.02 8.14
C LYS A 77 -11.88 -6.80 9.04
N SER A 78 -10.67 -6.27 9.20
CA SER A 78 -9.66 -6.81 10.10
C SER A 78 -8.62 -5.72 10.43
N LYS A 79 -7.51 -6.13 11.03
CA LYS A 79 -6.39 -5.25 11.29
C LYS A 79 -5.76 -4.70 10.03
N ASP A 80 -5.96 -5.38 8.91
CA ASP A 80 -5.50 -4.90 7.61
C ASP A 80 -6.34 -3.74 7.06
N SER A 81 -7.49 -3.47 7.71
CA SER A 81 -8.34 -2.37 7.26
C SER A 81 -7.55 -1.05 7.29
N ARG A 82 -7.86 -0.19 6.31
CA ARG A 82 -7.23 1.12 6.20
C ARG A 82 -8.21 2.20 5.77
N ILE A 83 -7.72 3.43 5.82
CA ILE A 83 -8.42 4.56 5.28
C ILE A 83 -7.56 5.22 4.22
N ILE A 84 -8.02 5.11 2.98
CA ILE A 84 -7.35 5.74 1.84
C ILE A 84 -7.79 7.19 1.75
N ILE A 85 -6.82 8.08 1.87
CA ILE A 85 -7.09 9.51 1.75
C ILE A 85 -7.05 9.92 0.30
N VAL A 86 -8.17 10.47 -0.16
CA VAL A 86 -8.30 10.95 -1.52
C VAL A 86 -8.70 12.46 -1.49
N GLU A 87 -8.92 13.04 -2.67
CA GLU A 87 -9.36 14.43 -2.79
C GLU A 87 -10.51 14.46 -3.75
N ILE A 88 -11.63 15.02 -3.32
CA ILE A 88 -12.85 15.07 -4.09
C ILE A 88 -13.26 16.52 -4.06
N LEU A 89 -13.31 17.11 -5.25
CA LEU A 89 -13.63 18.51 -5.48
C LEU A 89 -12.76 19.40 -4.61
N GLY A 90 -11.46 19.12 -4.62
CA GLY A 90 -10.48 19.92 -3.88
C GLY A 90 -10.53 19.78 -2.36
N GLN A 91 -11.30 18.81 -1.87
CA GLN A 91 -11.43 18.52 -0.43
C GLN A 91 -10.92 17.13 -0.09
N LYS A 92 -10.28 16.99 1.06
CA LYS A 92 -9.85 15.67 1.54
C LYS A 92 -11.01 14.79 2.01
N ALA A 93 -10.96 13.52 1.62
CA ALA A 93 -11.94 12.52 2.02
C ALA A 93 -11.23 11.21 2.31
N GLY A 94 -11.85 10.35 3.14
CA GLY A 94 -11.32 9.05 3.48
C GLY A 94 -12.28 7.95 3.03
N LEU A 95 -11.71 6.89 2.45
CA LEU A 95 -12.48 5.73 2.01
C LEU A 95 -11.97 4.53 2.80
N ILE A 96 -12.89 3.85 3.49
CA ILE A 96 -12.57 2.62 4.22
C ILE A 96 -12.42 1.48 3.23
N VAL A 97 -11.36 0.71 3.43
CA VAL A 97 -11.07 -0.49 2.63
C VAL A 97 -10.62 -1.63 3.58
N ASP A 98 -10.89 -2.87 3.21
CA ASP A 98 -10.47 -4.02 4.01
C ASP A 98 -8.97 -4.26 3.97
N ALA A 99 -8.32 -3.90 2.87
CA ALA A 99 -6.87 -4.10 2.76
C ALA A 99 -6.41 -3.52 1.44
N VAL A 100 -5.20 -2.99 1.45
CA VAL A 100 -4.47 -2.66 0.24
C VAL A 100 -3.62 -3.90 -0.08
N HIS A 101 -4.06 -4.64 -1.08
CA HIS A 101 -3.39 -5.89 -1.48
C HIS A 101 -2.13 -5.66 -2.35
N GLU A 102 -2.29 -4.96 -3.46
CA GLU A 102 -1.20 -4.78 -4.40
C GLU A 102 -1.27 -3.45 -5.14
N VAL A 103 -0.19 -3.18 -5.86
CA VAL A 103 -0.07 -2.05 -6.75
C VAL A 103 0.32 -2.65 -8.11
N ILE A 104 -0.61 -2.57 -9.06
CA ILE A 104 -0.37 -3.18 -10.36
C ILE A 104 -0.31 -2.19 -11.53
N PRO A 105 0.63 -2.43 -12.47
CA PRO A 105 0.74 -1.66 -13.70
C PRO A 105 -0.26 -2.20 -14.71
N ILE A 106 -0.89 -1.31 -15.47
CA ILE A 106 -1.84 -1.77 -16.45
C ILE A 106 -1.87 -0.82 -17.64
N ASP A 107 -2.22 -1.38 -18.79
CA ASP A 107 -2.48 -0.55 -19.97
C ASP A 107 -3.84 0.15 -19.80
N GLU A 108 -3.81 1.48 -19.75
CA GLU A 108 -5.02 2.26 -19.60
C GLU A 108 -6.08 1.92 -20.65
N ASN A 109 -5.63 1.40 -21.78
CA ASN A 109 -6.48 1.03 -22.92
C ASN A 109 -7.11 -0.35 -22.81
N SER A 110 -6.76 -1.06 -21.75
CA SER A 110 -7.44 -2.30 -21.41
C SER A 110 -8.63 -2.01 -20.48
N ILE A 111 -8.77 -0.77 -20.01
CA ILE A 111 -9.86 -0.37 -19.14
C ILE A 111 -11.15 -0.17 -19.97
N GLU A 112 -12.16 -0.98 -19.70
CA GLU A 112 -13.44 -0.94 -20.42
C GLU A 112 -14.47 -0.11 -19.69
N PRO A 113 -15.35 0.59 -20.45
CA PRO A 113 -16.45 1.34 -19.84
C PRO A 113 -17.36 0.32 -19.17
N PRO A 114 -18.03 0.67 -18.05
CA PRO A 114 -18.89 -0.34 -17.47
C PRO A 114 -20.14 -0.58 -18.33
N PRO A 115 -20.72 -1.79 -18.27
CA PRO A 115 -22.05 -1.92 -18.89
C PRO A 115 -23.04 -1.06 -18.08
N PRO A 116 -24.27 -0.84 -18.60
CA PRO A 116 -25.26 0.02 -17.94
C PRO A 116 -25.53 -0.34 -16.48
N VAL A 117 -25.60 -1.66 -16.21
CA VAL A 117 -25.82 -2.18 -14.88
C VAL A 117 -24.73 -3.20 -14.53
N THR A 118 -23.99 -2.95 -13.46
CA THR A 118 -22.85 -3.82 -13.13
C THR A 118 -22.80 -4.12 -11.63
N THR A 119 -21.64 -4.51 -11.11
CA THR A 119 -21.48 -4.84 -9.69
C THR A 119 -22.01 -3.75 -8.75
N ILE A 120 -21.64 -2.50 -9.02
CA ILE A 120 -22.11 -1.36 -8.23
C ILE A 120 -22.68 -0.33 -9.19
N ASP A 121 -23.49 0.61 -8.68
CA ASP A 121 -24.00 1.73 -9.48
C ASP A 121 -22.88 2.30 -10.35
N THR A 122 -23.13 2.40 -11.66
CA THR A 122 -22.17 3.03 -12.56
C THR A 122 -21.79 4.48 -12.18
N ALA A 123 -22.62 5.15 -11.38
CA ALA A 123 -22.28 6.50 -10.89
C ALA A 123 -20.97 6.49 -10.11
N PHE A 124 -20.58 5.31 -9.66
CA PHE A 124 -19.39 5.13 -8.80
C PHE A 124 -18.28 4.41 -9.54
N VAL A 125 -18.50 4.13 -10.82
CA VAL A 125 -17.53 3.34 -11.61
C VAL A 125 -16.89 4.17 -12.70
N GLU A 126 -15.55 4.25 -12.68
CA GLU A 126 -14.82 4.94 -13.76
C GLU A 126 -14.64 4.01 -14.97
N GLY A 127 -14.22 2.78 -14.69
CA GLY A 127 -13.99 1.83 -15.76
C GLY A 127 -13.74 0.48 -15.13
N ILE A 128 -13.62 -0.52 -15.98
CA ILE A 128 -13.39 -1.88 -15.51
C ILE A 128 -12.08 -2.40 -16.11
N ALA A 129 -11.17 -2.76 -15.23
CA ALA A 129 -9.90 -3.35 -15.57
C ALA A 129 -9.94 -4.84 -15.27
N LYS A 130 -9.03 -5.60 -15.84
CA LYS A 130 -9.07 -7.05 -15.63
C LYS A 130 -7.70 -7.65 -15.32
N THR A 131 -7.55 -8.17 -14.11
CA THR A 131 -6.24 -8.57 -13.60
C THR A 131 -6.25 -9.98 -13.04
N ASP A 132 -5.14 -10.71 -13.26
CA ASP A 132 -5.11 -12.16 -13.08
C ASP A 132 -6.28 -12.70 -13.88
N ASP A 133 -7.18 -13.38 -13.18
CA ASP A 133 -8.44 -13.83 -13.72
C ASP A 133 -9.56 -13.06 -12.98
N LYS A 134 -9.25 -11.82 -12.61
CA LYS A 134 -10.09 -10.99 -11.76
C LYS A 134 -10.67 -9.78 -12.53
N MET A 135 -11.83 -9.32 -12.06
CA MET A 135 -12.39 -8.05 -12.50
C MET A 135 -12.03 -7.00 -11.45
N ILE A 136 -11.50 -5.88 -11.91
CA ILE A 136 -11.25 -4.77 -11.00
C ILE A 136 -12.00 -3.54 -11.47
N ILE A 137 -12.98 -3.13 -10.69
CA ILE A 137 -13.69 -1.89 -10.90
C ILE A 137 -12.87 -0.76 -10.36
N ILE A 138 -12.57 0.19 -11.24
CA ILE A 138 -11.91 1.40 -10.87
C ILE A 138 -13.01 2.35 -10.43
N ILE A 139 -12.91 2.78 -9.18
CA ILE A 139 -13.95 3.62 -8.57
C ILE A 139 -13.84 5.06 -9.04
N LYS A 140 -14.99 5.68 -9.32
CA LYS A 140 -15.06 7.10 -9.62
C LYS A 140 -15.37 7.81 -8.33
N LEU A 141 -14.51 8.75 -7.98
CA LEU A 141 -14.61 9.46 -6.70
C LEU A 141 -15.63 10.60 -6.69
N HIS A 142 -15.91 11.17 -7.86
CA HIS A 142 -16.72 12.38 -7.97
C HIS A 142 -17.96 12.48 -7.06
N PHE A 143 -18.87 11.49 -7.16
CA PHE A 143 -20.15 11.57 -6.48
C PHE A 143 -20.30 10.74 -5.19
N LEU A 144 -19.19 10.25 -4.65
CA LEU A 144 -19.25 9.40 -3.46
C LEU A 144 -20.03 10.03 -2.29
N PHE A 145 -19.92 11.35 -2.16
CA PHE A 145 -20.54 12.08 -1.06
C PHE A 145 -21.84 12.78 -1.43
N GLU A 146 -22.24 12.70 -2.70
CA GLU A 146 -23.42 13.43 -3.16
C GLU A 146 -24.71 12.70 -2.85
N VAL A 147 -25.45 13.27 -1.90
CA VAL A 147 -26.73 12.78 -1.41
C VAL A 147 -27.85 13.63 -2.02
N ASN A 148 -28.68 13.03 -2.88
CA ASN A 148 -29.64 13.81 -3.70
C ASN A 148 -28.77 14.86 -4.45
N GLY A 149 -29.19 16.14 -4.46
CA GLY A 149 -28.38 17.13 -5.18
C GLY A 149 -27.20 17.68 -4.40
N LYS A 150 -27.07 17.32 -3.12
CA LYS A 150 -26.10 18.02 -2.29
C LYS A 150 -25.01 17.13 -1.70
N GLU A 151 -23.84 17.71 -1.48
CA GLU A 151 -22.70 17.00 -0.89
C GLU A 151 -22.76 17.00 0.63
N MET A 152 -22.67 15.81 1.24
CA MET A 152 -22.75 15.69 2.70
C MET A 152 -21.38 15.80 3.35
N LEU A 153 -21.24 16.73 4.30
CA LEU A 153 -19.98 16.97 5.00
C LEU A 153 -18.88 17.42 4.03
N LEU A 154 -19.22 17.41 2.74
CA LEU A 154 -18.29 17.79 1.69
C LEU A 154 -18.02 19.28 1.61
N ASN A 155 -18.97 19.98 0.95
CA ASN A 155 -18.60 20.98 -0.10
C ASN A 155 -17.78 22.19 0.30
N MET B 10 4.91 16.58 -6.42
CA MET B 10 4.49 15.19 -6.05
C MET B 10 5.32 14.65 -4.87
N PRO B 11 4.71 14.55 -3.66
CA PRO B 11 5.51 14.02 -2.56
C PRO B 11 5.83 12.56 -2.80
N LYS B 12 6.80 12.02 -2.07
CA LYS B 12 7.05 10.59 -2.10
C LYS B 12 6.05 9.92 -1.20
N LYS B 13 5.49 8.82 -1.69
CA LYS B 13 4.52 8.04 -0.92
C LYS B 13 5.29 6.86 -0.33
N ILE B 14 5.53 6.92 0.96
CA ILE B 14 6.39 5.95 1.64
C ILE B 14 5.56 4.94 2.38
N VAL B 15 5.78 3.67 2.04
CA VAL B 15 5.17 2.55 2.77
C VAL B 15 5.98 2.31 4.02
N VAL B 16 5.33 2.53 5.16
CA VAL B 16 5.96 2.41 6.48
C VAL B 16 5.76 1.01 7.08
N PHE B 17 6.82 0.48 7.65
CA PHE B 17 6.75 -0.82 8.29
C PHE B 17 7.68 -0.79 9.48
N SER B 18 7.42 -1.67 10.44
CA SER B 18 8.27 -1.73 11.63
C SER B 18 9.03 -3.04 11.71
N LEU B 19 10.21 -2.95 12.31
CA LEU B 19 11.05 -4.08 12.68
C LEU B 19 11.45 -3.78 14.10
N ALA B 20 11.01 -4.65 15.00
CA ALA B 20 11.15 -4.45 16.42
C ALA B 20 10.51 -3.09 16.68
N GLU B 21 11.27 -2.14 17.23
CA GLU B 21 10.63 -0.93 17.72
C GLU B 21 10.88 0.30 16.86
N GLU B 22 11.26 0.07 15.59
CA GLU B 22 11.70 1.13 14.72
C GLU B 22 10.94 1.14 13.42
N LEU B 23 10.78 2.33 12.86
CA LEU B 23 10.09 2.51 11.59
C LEU B 23 11.07 2.52 10.42
N TYR B 24 10.63 1.94 9.31
CA TYR B 24 11.43 1.79 8.12
C TYR B 24 10.48 2.06 6.99
N GLY B 25 11.03 2.35 5.81
CA GLY B 25 10.18 2.68 4.70
C GLY B 25 10.71 2.24 3.38
N LEU B 26 9.78 2.13 2.44
CA LEU B 26 10.06 1.96 1.04
C LEU B 26 9.18 2.91 0.23
N ASP B 27 9.70 3.38 -0.90
CA ASP B 27 8.87 4.06 -1.88
C ASP B 27 7.79 3.11 -2.39
N ILE B 28 6.54 3.56 -2.37
CA ILE B 28 5.44 2.75 -2.90
C ILE B 28 5.67 2.25 -4.34
N PHE B 29 6.43 3.04 -5.11
CA PHE B 29 6.86 2.68 -6.47
C PHE B 29 7.55 1.29 -6.50
N ASP B 30 8.13 0.88 -5.38
CA ASP B 30 8.93 -0.33 -5.37
C ASP B 30 8.15 -1.49 -4.78
N VAL B 31 6.98 -1.18 -4.22
CA VAL B 31 6.15 -2.16 -3.56
C VAL B 31 5.09 -2.72 -4.52
N HIS B 32 5.10 -4.04 -4.70
CA HIS B 32 4.19 -4.69 -5.61
C HIS B 32 2.98 -5.30 -4.90
N GLU B 33 3.20 -5.87 -3.72
CA GLU B 33 2.14 -6.59 -3.02
C GLU B 33 2.51 -6.77 -1.57
N VAL B 34 1.49 -6.88 -0.73
CA VAL B 34 1.67 -7.27 0.66
C VAL B 34 0.90 -8.58 0.85
N VAL B 35 1.59 -9.60 1.37
CA VAL B 35 0.97 -10.91 1.61
C VAL B 35 1.07 -11.32 3.08
N LYS B 36 0.11 -12.12 3.51
CA LYS B 36 0.07 -12.68 4.85
C LYS B 36 -0.27 -14.15 4.77
N ASP B 37 -0.14 -14.83 5.91
CA ASP B 37 -0.34 -16.27 6.07
C ASP B 37 -0.06 -17.13 4.81
N VAL B 38 1.15 -16.99 4.29
CA VAL B 38 1.67 -17.88 3.27
C VAL B 38 2.75 -18.66 4.01
N SER B 39 2.84 -19.95 3.74
CA SER B 39 3.93 -20.74 4.32
C SER B 39 5.17 -20.62 3.44
N ILE B 40 6.29 -20.28 4.08
CA ILE B 40 7.60 -20.18 3.46
C ILE B 40 8.26 -21.59 3.40
N THR B 41 8.76 -21.95 2.23
CA THR B 41 9.50 -23.20 2.03
C THR B 41 11.02 -22.93 2.20
N LYS B 42 11.62 -23.51 3.23
CA LYS B 42 13.07 -23.42 3.50
C LYS B 42 13.89 -24.07 2.39
N ILE B 43 15.00 -23.42 2.04
CA ILE B 43 15.87 -23.88 0.98
C ILE B 43 17.20 -24.18 1.64
N PRO B 44 17.80 -25.37 1.38
CA PRO B 44 19.12 -25.74 1.91
C PRO B 44 20.23 -24.81 1.44
N GLU B 45 21.27 -24.69 2.27
CA GLU B 45 22.54 -24.05 1.91
C GLU B 45 22.38 -22.56 1.69
N THR B 46 21.45 -21.97 2.42
CA THR B 46 21.27 -20.54 2.39
C THR B 46 21.63 -19.95 3.74
N PRO B 47 22.04 -18.65 3.76
CA PRO B 47 22.22 -17.94 5.02
C PRO B 47 20.92 -17.98 5.84
N GLU B 48 21.05 -17.84 7.16
CA GLU B 48 19.88 -17.82 8.07
C GLU B 48 18.83 -16.76 7.68
N PHE B 49 19.31 -15.61 7.20
CA PHE B 49 18.40 -14.49 6.90
C PHE B 49 17.52 -14.76 5.68
N ILE B 50 17.94 -15.70 4.82
CA ILE B 50 17.13 -16.13 3.68
C ILE B 50 16.24 -17.25 4.16
N GLU B 51 15.00 -16.90 4.52
CA GLU B 51 14.04 -17.87 5.03
C GLU B 51 13.62 -18.97 4.07
N GLY B 52 13.66 -18.70 2.77
CA GLY B 52 13.25 -19.67 1.79
C GLY B 52 12.54 -18.99 0.64
N ILE B 53 11.60 -19.71 0.05
CA ILE B 53 10.81 -19.19 -1.07
C ILE B 53 9.29 -19.30 -0.79
N ILE B 54 8.51 -18.55 -1.57
CA ILE B 54 7.07 -18.72 -1.61
C ILE B 54 6.73 -18.87 -3.08
N ASN B 55 5.66 -19.57 -3.41
CA ASN B 55 5.21 -19.65 -4.78
C ASN B 55 3.98 -18.76 -4.94
N LEU B 56 4.18 -17.59 -5.55
CA LEU B 56 3.10 -16.63 -5.72
C LEU B 56 2.71 -16.61 -7.19
N ARG B 57 1.50 -17.08 -7.50
CA ARG B 57 1.01 -17.17 -8.89
C ARG B 57 1.95 -17.90 -9.85
N GLY B 58 2.64 -18.94 -9.35
CA GLY B 58 3.54 -19.71 -10.22
C GLY B 58 4.93 -19.13 -10.36
N LYS B 59 5.24 -18.10 -9.57
CA LYS B 59 6.58 -17.53 -9.58
C LYS B 59 7.28 -17.79 -8.25
N ILE B 60 8.50 -18.29 -8.34
CA ILE B 60 9.32 -18.58 -7.17
C ILE B 60 9.94 -17.29 -6.66
N ILE B 61 9.53 -16.88 -5.47
CA ILE B 61 9.97 -15.62 -4.89
C ILE B 61 10.78 -15.87 -3.61
N PRO B 62 12.09 -15.54 -3.62
CA PRO B 62 12.96 -15.69 -2.45
C PRO B 62 12.56 -14.65 -1.42
N VAL B 63 12.58 -15.08 -0.15
CA VAL B 63 12.08 -14.28 0.95
C VAL B 63 13.16 -14.10 1.98
N ILE B 64 13.44 -12.85 2.35
CA ILE B 64 14.38 -12.61 3.45
C ILE B 64 13.76 -12.07 4.72
N ASP B 65 14.36 -12.45 5.84
CA ASP B 65 14.03 -11.86 7.11
C ASP B 65 14.88 -10.60 7.36
N LEU B 66 14.25 -9.45 7.23
CA LEU B 66 14.96 -8.15 7.39
C LEU B 66 15.61 -7.99 8.75
N LYS B 67 14.94 -8.40 9.83
CA LYS B 67 15.54 -8.34 11.16
C LYS B 67 16.82 -9.13 11.28
N LYS B 68 16.86 -10.35 10.76
CA LYS B 68 18.10 -11.15 10.74
C LYS B 68 19.19 -10.52 9.86
N ARG B 69 18.78 -9.99 8.68
CA ARG B 69 19.68 -9.36 7.73
C ARG B 69 20.30 -8.09 8.30
N PHE B 70 19.48 -7.35 9.07
CA PHE B 70 19.88 -6.05 9.62
C PHE B 70 20.53 -6.15 10.99
N GLY B 71 20.63 -7.37 11.52
CA GLY B 71 21.12 -7.60 12.89
C GLY B 71 20.21 -7.13 14.02
N ILE B 72 18.91 -6.96 13.72
CA ILE B 72 17.93 -6.46 14.69
C ILE B 72 17.58 -7.58 15.65
N GLY B 73 17.32 -7.22 16.91
CA GLY B 73 16.96 -8.22 17.92
C GLY B 73 15.49 -8.35 18.28
N LYS B 74 14.76 -9.15 17.50
CA LYS B 74 13.50 -9.72 18.01
C LYS B 74 13.72 -11.22 18.05
N ARG B 75 12.65 -12.01 17.87
CA ARG B 75 12.82 -13.47 18.04
C ARG B 75 12.42 -14.23 16.76
N GLY B 76 11.19 -14.76 16.75
CA GLY B 76 10.55 -15.16 15.48
C GLY B 76 9.60 -14.04 15.03
N LYS B 77 8.33 -14.40 14.77
CA LYS B 77 7.39 -13.49 14.12
C LYS B 77 6.19 -13.13 15.01
N SER B 78 5.19 -12.47 14.41
CA SER B 78 3.92 -12.20 15.07
C SER B 78 2.74 -12.45 14.14
N LYS B 79 1.54 -12.37 14.69
CA LYS B 79 0.30 -12.47 13.92
C LYS B 79 0.22 -11.29 12.92
N ASP B 80 0.95 -10.22 13.21
CA ASP B 80 1.01 -9.01 12.37
C ASP B 80 2.10 -9.04 11.30
N SER B 81 2.89 -10.11 11.28
CA SER B 81 3.98 -10.28 10.32
C SER B 81 3.49 -10.32 8.87
N ARG B 82 4.18 -9.62 7.98
CA ARG B 82 3.80 -9.60 6.57
C ARG B 82 5.03 -9.78 5.69
N ILE B 83 4.81 -10.24 4.47
CA ILE B 83 5.84 -10.24 3.44
C ILE B 83 5.50 -9.16 2.41
N ILE B 84 6.43 -8.21 2.24
CA ILE B 84 6.30 -7.19 1.23
C ILE B 84 7.03 -7.68 -0.03
N ILE B 85 6.29 -7.73 -1.14
CA ILE B 85 6.85 -8.07 -2.44
C ILE B 85 7.35 -6.80 -3.14
N VAL B 86 8.66 -6.80 -3.38
CA VAL B 86 9.33 -5.68 -4.02
C VAL B 86 9.99 -6.19 -5.29
N GLU B 87 10.56 -5.26 -6.04
CA GLU B 87 11.35 -5.58 -7.21
C GLU B 87 12.82 -5.20 -7.02
N ILE B 88 13.70 -6.18 -7.18
CA ILE B 88 15.12 -5.97 -7.03
C ILE B 88 15.79 -6.49 -8.28
N LEU B 89 16.53 -5.62 -8.99
CA LEU B 89 17.26 -6.02 -10.21
C LEU B 89 16.34 -6.73 -11.19
N GLY B 90 15.11 -6.21 -11.32
CA GLY B 90 14.13 -6.76 -12.24
C GLY B 90 13.51 -8.08 -11.80
N GLN B 91 13.78 -8.47 -10.56
CA GLN B 91 13.26 -9.71 -10.00
C GLN B 91 12.35 -9.42 -8.81
N LYS B 92 11.36 -10.28 -8.60
CA LYS B 92 10.56 -10.22 -7.39
C LYS B 92 11.25 -10.83 -6.17
N ALA B 93 11.12 -10.17 -5.03
CA ALA B 93 11.68 -10.66 -3.76
C ALA B 93 10.69 -10.38 -2.66
N GLY B 94 10.73 -11.17 -1.58
CA GLY B 94 9.85 -10.94 -0.47
C GLY B 94 10.63 -10.48 0.73
N LEU B 95 10.09 -9.52 1.47
CA LEU B 95 10.75 -8.98 2.65
C LEU B 95 9.80 -9.18 3.82
N ILE B 96 10.22 -9.95 4.82
CA ILE B 96 9.43 -10.14 6.04
C ILE B 96 9.65 -8.97 6.98
N VAL B 97 8.52 -8.40 7.41
CA VAL B 97 8.49 -7.29 8.34
C VAL B 97 7.53 -7.60 9.50
N ASP B 98 7.80 -7.04 10.69
CA ASP B 98 6.93 -7.26 11.84
C ASP B 98 5.50 -6.76 11.62
N ALA B 99 5.33 -5.69 10.84
CA ALA B 99 4.03 -5.06 10.64
C ALA B 99 4.12 -3.99 9.57
N VAL B 100 3.12 -3.91 8.71
CA VAL B 100 3.01 -2.79 7.77
C VAL B 100 2.07 -1.74 8.36
N HIS B 101 2.50 -0.49 8.33
CA HIS B 101 1.72 0.59 8.91
C HIS B 101 1.06 1.39 7.80
N GLU B 102 1.35 2.67 7.69
CA GLU B 102 0.65 3.49 6.71
C GLU B 102 1.47 3.82 5.48
N VAL B 103 0.83 4.48 4.53
CA VAL B 103 1.47 5.05 3.40
C VAL B 103 1.41 6.55 3.64
N ILE B 104 2.58 7.15 3.82
CA ILE B 104 2.68 8.56 4.19
C ILE B 104 3.36 9.35 3.07
N PRO B 105 2.73 10.47 2.64
CA PRO B 105 3.33 11.30 1.61
C PRO B 105 4.42 12.12 2.28
N ILE B 106 5.64 12.07 1.74
CA ILE B 106 6.74 12.84 2.37
C ILE B 106 7.44 13.61 1.28
N ASP B 107 7.51 14.93 1.42
CA ASP B 107 8.12 15.68 0.31
C ASP B 107 9.63 15.51 0.20
N GLU B 108 10.11 15.47 -1.05
CA GLU B 108 11.53 15.29 -1.38
C GLU B 108 12.52 16.04 -0.47
N ASN B 109 12.14 17.21 0.03
CA ASN B 109 13.08 18.01 0.84
C ASN B 109 13.20 17.54 2.28
N SER B 110 12.22 16.76 2.72
CA SER B 110 12.22 16.18 4.08
C SER B 110 12.94 14.82 4.14
N ILE B 111 13.52 14.41 3.03
CA ILE B 111 14.25 13.18 2.95
C ILE B 111 15.72 13.48 2.68
N GLU B 112 16.59 13.21 3.67
CA GLU B 112 18.01 13.53 3.52
C GLU B 112 18.89 12.32 3.20
N PRO B 113 20.08 12.57 2.65
CA PRO B 113 21.01 11.45 2.46
C PRO B 113 21.36 10.76 3.80
N PRO B 114 21.72 9.48 3.75
CA PRO B 114 22.04 8.86 5.03
C PRO B 114 23.39 9.40 5.55
N PRO B 115 23.57 9.45 6.88
CA PRO B 115 24.90 9.77 7.44
C PRO B 115 25.95 8.67 7.09
N PRO B 116 27.25 9.00 7.22
CA PRO B 116 28.32 8.05 6.86
C PRO B 116 28.17 6.69 7.59
N VAL B 117 27.73 6.73 8.86
CA VAL B 117 27.42 5.51 9.59
C VAL B 117 25.97 5.52 10.07
N THR B 118 25.20 4.53 9.65
CA THR B 118 23.78 4.47 10.01
C THR B 118 23.53 3.46 11.15
N THR B 119 22.26 3.34 11.57
CA THR B 119 21.82 2.49 12.67
C THR B 119 21.93 1.03 12.26
N ILE B 120 21.62 0.74 11.01
CA ILE B 120 21.90 -0.57 10.42
C ILE B 120 23.08 -0.40 9.46
N ASP B 121 23.46 -1.45 8.75
CA ASP B 121 24.59 -1.33 7.79
C ASP B 121 24.29 -0.27 6.72
N THR B 122 25.29 0.56 6.41
CA THR B 122 25.22 1.60 5.38
C THR B 122 24.83 1.07 3.99
N ALA B 123 25.11 -0.21 3.70
CA ALA B 123 24.67 -0.85 2.45
C ALA B 123 23.16 -0.93 2.31
N PHE B 124 22.45 -0.87 3.43
CA PHE B 124 20.99 -1.11 3.46
C PHE B 124 20.10 0.13 3.68
N VAL B 125 20.70 1.30 3.69
CA VAL B 125 19.95 2.54 3.93
C VAL B 125 20.03 3.50 2.73
N GLU B 126 18.86 3.87 2.24
CA GLU B 126 18.70 4.78 1.10
C GLU B 126 18.63 6.26 1.51
N GLY B 127 17.84 6.56 2.55
CA GLY B 127 17.60 7.92 2.97
C GLY B 127 16.99 7.92 4.34
N ILE B 128 16.90 9.09 4.94
CA ILE B 128 16.35 9.25 6.28
C ILE B 128 15.18 10.23 6.21
N ALA B 129 13.96 9.75 6.40
CA ALA B 129 12.77 10.59 6.23
C ALA B 129 12.30 11.06 7.60
N LYS B 130 12.00 12.35 7.71
CA LYS B 130 11.50 12.89 8.97
C LYS B 130 10.18 13.62 8.74
N THR B 131 9.14 13.18 9.45
CA THR B 131 7.81 13.77 9.30
C THR B 131 6.90 13.37 10.46
N ASP B 132 5.94 14.24 10.79
CA ASP B 132 4.99 14.01 11.92
C ASP B 132 5.70 13.49 13.17
N ASP B 133 6.80 14.16 13.56
CA ASP B 133 7.65 13.73 14.68
C ASP B 133 8.15 12.28 14.59
N LYS B 134 7.99 11.64 13.44
CA LYS B 134 8.57 10.30 13.17
C LYS B 134 9.87 10.42 12.39
N MET B 135 10.78 9.49 12.63
CA MET B 135 11.94 9.30 11.77
C MET B 135 11.87 7.91 11.15
N ILE B 136 12.00 7.87 9.82
CA ILE B 136 11.84 6.62 9.08
C ILE B 136 13.08 6.35 8.24
N ILE B 137 13.61 5.16 8.38
CA ILE B 137 14.74 4.73 7.58
C ILE B 137 14.24 4.13 6.26
N ILE B 138 14.57 4.79 5.15
CA ILE B 138 14.27 4.26 3.82
C ILE B 138 15.38 3.27 3.46
N ILE B 139 15.01 2.00 3.31
CA ILE B 139 15.98 0.96 3.08
C ILE B 139 16.36 0.91 1.62
N LYS B 140 17.62 0.58 1.33
CA LYS B 140 18.04 0.34 -0.04
C LYS B 140 17.91 -1.15 -0.36
N LEU B 141 17.29 -1.47 -1.49
CA LEU B 141 17.00 -2.86 -1.86
C LEU B 141 18.18 -3.58 -2.51
N HIS B 142 19.01 -2.80 -3.19
CA HIS B 142 20.04 -3.30 -4.12
C HIS B 142 20.86 -4.46 -3.59
N PHE B 143 21.39 -4.33 -2.36
CA PHE B 143 22.31 -5.31 -1.79
C PHE B 143 21.74 -6.31 -0.79
N LEU B 144 20.42 -6.31 -0.61
CA LEU B 144 19.80 -7.15 0.44
C LEU B 144 20.12 -8.63 0.29
N PHE B 145 20.21 -9.08 -0.96
CA PHE B 145 20.47 -10.50 -1.27
C PHE B 145 21.93 -10.79 -1.63
N GLU B 146 22.80 -9.79 -1.53
CA GLU B 146 24.19 -9.97 -1.94
C GLU B 146 25.07 -10.44 -0.80
N VAL B 147 25.52 -11.70 -0.90
CA VAL B 147 26.28 -12.39 0.14
C VAL B 147 27.71 -12.56 -0.32
N ASN B 148 28.61 -11.73 0.23
CA ASN B 148 30.04 -11.75 -0.15
C ASN B 148 30.24 -11.71 -1.66
N GLY B 149 29.69 -10.67 -2.29
CA GLY B 149 29.79 -10.49 -3.73
C GLY B 149 28.74 -11.17 -4.59
N LYS B 150 28.08 -12.24 -4.10
CA LYS B 150 27.14 -13.01 -4.93
C LYS B 150 25.66 -12.83 -4.54
N GLU B 151 24.79 -12.57 -5.53
CA GLU B 151 23.33 -12.56 -5.34
C GLU B 151 22.79 -13.95 -4.97
N MET B 152 22.34 -14.09 -3.73
CA MET B 152 21.85 -15.36 -3.22
C MET B 152 20.36 -15.55 -3.56
N LEU B 153 20.07 -16.61 -4.31
CA LEU B 153 18.72 -17.00 -4.75
C LEU B 153 18.07 -16.02 -5.73
N LEU B 154 18.48 -14.76 -5.66
CA LEU B 154 17.97 -13.75 -6.54
C LEU B 154 18.72 -13.87 -7.85
N ASN B 155 18.03 -13.63 -8.96
CA ASN B 155 18.65 -13.77 -10.27
C ASN B 155 19.23 -12.49 -10.89
C1 GOL C . -0.37 -2.00 2.69
O1 GOL C . -1.01 -3.26 2.68
C2 GOL C . -0.92 -1.18 3.84
O2 GOL C . -2.33 -1.11 3.82
C3 GOL C . -0.34 0.21 3.76
O3 GOL C . -0.99 1.01 4.72
C1 GOL D . -25.51 0.79 5.97
O1 GOL D . -25.65 0.40 4.64
C2 GOL D . -25.77 -0.43 6.82
O2 GOL D . -24.58 -1.10 7.09
C3 GOL D . -26.36 0.02 8.13
O3 GOL D . -25.34 0.51 8.96
C1 GOL E . -0.35 7.55 -13.90
O1 GOL E . -1.42 8.36 -13.47
C2 GOL E . 0.42 7.05 -12.67
O2 GOL E . 1.78 6.91 -12.95
C3 GOL E . 0.00 5.62 -12.42
O3 GOL E . -1.38 5.51 -12.56
#